data_6WV6
#
_entry.id   6WV6
#
_cell.length_a   155.019
_cell.length_b   84.878
_cell.length_c   42.558
_cell.angle_alpha   90.000
_cell.angle_beta   90.000
_cell.angle_gamma   90.000
#
_symmetry.space_group_name_H-M   'P 21 21 2'
#
loop_
_entity.id
_entity.type
_entity.pdbx_description
1 polymer 'Vitamin K epoxide reductase, termini restrained by green fluorescent protein'
2 non-polymer '(2R)-2,3-dihydroxypropyl (9Z)-octadec-9-enoate'
3 non-polymer Phenindione
4 water water
#
_entity_poly.entity_id   1
_entity_poly.type   'polypeptide(L)'
_entity_poly.pdbx_seq_one_letter_code
;MSKGEELFTGVVPILVELDGDVNGHKFSVRGEGEGDATNGKLTLKFICTTGKLPVPWPTLVTTL(CRO)VQCFSRYPDHM
KRHDFFKSAMPEGYVQERTISFKDDGTYKTRAEVKFEGDTLVNRIELKGIDFKEDGNILGHKLEYNSTWGSPGWVRLALC
LTGLVLSLYALHVKAARARDRDYRALCDVGTAISCSRVFSSRWGRGFGLVEHVLGQDSILNQSNSIFGCIFYTLQLLLGC
LRTRWASVLMLLSSLVSLAGSVYLAWILFFVLYDFCIVCITTYAINVSLMWLSFRKVQENSHNVYITADKQKNGIKANFK
IRHNVEDGSVQLADHYQQNTPIGDGPVLLPDNHYLSTQSVLSKDPNEKRDHMVLLEFVTAAGITHHHHHHHHHH
;
_entity_poly.pdbx_strand_id   A
#
# COMPACT_ATOMS: atom_id res chain seq x y z
N SER A 2 -24.03 -25.97 2.97
CA SER A 2 -22.59 -26.00 2.81
C SER A 2 -21.94 -26.78 3.95
N LYS A 3 -21.91 -28.11 3.83
CA LYS A 3 -21.08 -28.91 4.73
C LYS A 3 -19.61 -28.54 4.56
N GLY A 4 -19.23 -28.08 3.35
CA GLY A 4 -17.92 -27.54 3.11
C GLY A 4 -17.49 -26.59 4.21
N GLU A 5 -18.23 -25.50 4.39
CA GLU A 5 -17.89 -24.54 5.44
C GLU A 5 -17.79 -25.21 6.81
N GLU A 6 -18.58 -26.27 7.03
CA GLU A 6 -18.44 -27.06 8.26
C GLU A 6 -17.06 -27.70 8.34
N LEU A 7 -16.37 -27.84 7.22
CA LEU A 7 -15.00 -28.33 7.29
C LEU A 7 -14.01 -27.32 7.91
N PHE A 8 -14.39 -26.06 8.07
CA PHE A 8 -13.41 -25.02 8.40
C PHE A 8 -13.66 -24.34 9.74
N THR A 9 -14.57 -24.86 10.56
CA THR A 9 -14.55 -24.55 11.97
C THR A 9 -13.27 -25.12 12.56
N GLY A 10 -12.71 -24.46 13.55
CA GLY A 10 -11.45 -25.06 14.01
C GLY A 10 -10.26 -24.85 13.07
N VAL A 11 -9.19 -25.59 13.35
CA VAL A 11 -7.84 -25.27 12.88
C VAL A 11 -7.33 -26.38 11.96
N VAL A 12 -7.23 -26.10 10.67
CA VAL A 12 -6.95 -27.14 9.68
C VAL A 12 -5.47 -27.13 9.28
N PRO A 13 -4.84 -28.30 9.11
CA PRO A 13 -3.46 -28.33 8.62
C PRO A 13 -3.40 -28.04 7.14
N ILE A 14 -2.44 -27.19 6.75
CA ILE A 14 -2.26 -26.77 5.36
C ILE A 14 -0.91 -27.27 4.84
N LEU A 15 -0.93 -27.84 3.64
CA LEU A 15 0.29 -28.12 2.90
C LEU A 15 0.22 -27.39 1.58
N VAL A 16 1.38 -26.93 1.10
CA VAL A 16 1.49 -26.14 -0.11
C VAL A 16 2.72 -26.60 -0.88
N GLU A 17 2.59 -26.79 -2.18
CA GLU A 17 3.69 -27.27 -3.01
C GLU A 17 3.63 -26.56 -4.35
N LEU A 18 4.68 -25.82 -4.68
CA LEU A 18 4.79 -25.10 -5.93
C LEU A 18 5.91 -25.70 -6.76
N ASP A 19 5.65 -25.86 -8.05
CA ASP A 19 6.71 -26.07 -9.03
C ASP A 19 6.62 -24.94 -10.04
N GLY A 20 7.73 -24.22 -10.21
CA GLY A 20 7.73 -23.01 -10.99
C GLY A 20 8.91 -22.96 -11.95
N ASP A 21 8.69 -22.21 -13.03
CA ASP A 21 9.69 -22.00 -14.08
C ASP A 21 9.55 -20.54 -14.48
N VAL A 22 10.59 -19.75 -14.26
CA VAL A 22 10.55 -18.31 -14.55
C VAL A 22 11.69 -17.99 -15.50
N ASN A 23 11.34 -17.60 -16.73
CA ASN A 23 12.32 -17.30 -17.76
C ASN A 23 13.29 -18.45 -18.00
N GLY A 24 12.93 -19.65 -17.58
CA GLY A 24 13.75 -20.82 -17.75
C GLY A 24 14.38 -21.32 -16.47
N HIS A 25 14.48 -20.47 -15.45
CA HIS A 25 15.04 -20.89 -14.17
C HIS A 25 13.97 -21.67 -13.42
N LYS A 26 14.26 -22.93 -13.11
CA LYS A 26 13.29 -23.85 -12.52
C LYS A 26 13.49 -23.92 -11.02
N PHE A 27 12.39 -24.04 -10.26
CA PHE A 27 12.50 -24.02 -8.81
C PHE A 27 11.28 -24.69 -8.20
N SER A 28 11.44 -25.15 -6.95
CA SER A 28 10.34 -25.76 -6.21
C SER A 28 10.26 -25.21 -4.77
N VAL A 29 9.04 -24.87 -4.35
CA VAL A 29 8.78 -24.34 -3.02
C VAL A 29 7.86 -25.30 -2.28
N ARG A 30 8.11 -25.49 -0.97
CA ARG A 30 7.16 -26.21 -0.14
C ARG A 30 6.86 -25.41 1.12
N GLY A 31 5.59 -25.40 1.50
CA GLY A 31 5.16 -24.70 2.70
C GLY A 31 4.24 -25.55 3.54
N GLU A 32 4.35 -25.38 4.86
CA GLU A 32 3.51 -26.07 5.83
C GLU A 32 2.98 -25.08 6.86
N GLY A 33 1.74 -25.28 7.31
CA GLY A 33 1.20 -24.40 8.34
C GLY A 33 -0.19 -24.77 8.79
N GLU A 34 -0.88 -23.79 9.37
CA GLU A 34 -2.21 -24.02 9.91
C GLU A 34 -3.14 -22.88 9.53
N GLY A 35 -4.41 -23.21 9.39
CA GLY A 35 -5.44 -22.26 8.97
C GLY A 35 -6.65 -22.21 9.89
N ASP A 36 -7.06 -20.99 10.23
CA ASP A 36 -8.14 -20.71 11.16
C ASP A 36 -9.13 -19.84 10.40
N ALA A 37 -10.00 -20.49 9.62
CA ALA A 37 -11.08 -19.81 8.92
C ALA A 37 -12.04 -19.08 9.86
N THR A 38 -12.00 -19.36 11.15
CA THR A 38 -12.93 -18.69 12.05
C THR A 38 -12.45 -17.30 12.43
N ASN A 39 -11.13 -17.09 12.45
CA ASN A 39 -10.54 -15.78 12.66
C ASN A 39 -9.87 -15.25 11.41
N GLY A 40 -10.03 -15.94 10.27
CA GLY A 40 -9.36 -15.57 9.04
C GLY A 40 -7.86 -15.47 9.15
N LYS A 41 -7.21 -16.39 9.86
CA LYS A 41 -5.79 -16.29 10.18
C LYS A 41 -5.06 -17.51 9.62
N LEU A 42 -4.03 -17.25 8.81
CA LEU A 42 -3.13 -18.29 8.34
C LEU A 42 -1.75 -18.06 8.93
N THR A 43 -1.09 -19.14 9.32
CA THR A 43 0.32 -19.09 9.68
C THR A 43 1.03 -20.14 8.85
N LEU A 44 2.14 -19.77 8.20
CA LEU A 44 2.78 -20.70 7.28
C LEU A 44 4.27 -20.42 7.21
N LYS A 45 5.05 -21.48 7.02
CA LYS A 45 6.47 -21.36 6.72
C LYS A 45 6.73 -22.03 5.39
N PHE A 46 7.35 -21.30 4.47
CA PHE A 46 7.74 -21.83 3.17
C PHE A 46 9.26 -21.88 3.12
N ILE A 47 9.77 -22.92 2.47
CA ILE A 47 11.18 -23.06 2.17
C ILE A 47 11.29 -23.36 0.68
N CYS A 48 12.26 -22.76 0.03
CA CYS A 48 12.61 -23.21 -1.32
C CYS A 48 13.41 -24.49 -1.17
N THR A 49 12.94 -25.57 -1.80
CA THR A 49 13.60 -26.86 -1.67
C THR A 49 14.71 -27.09 -2.69
N THR A 50 14.80 -26.25 -3.72
CA THR A 50 15.83 -26.41 -4.76
C THR A 50 17.06 -25.55 -4.53
N GLY A 51 17.01 -24.60 -3.59
CA GLY A 51 18.15 -23.74 -3.33
C GLY A 51 17.79 -22.27 -3.32
N LYS A 52 18.51 -21.46 -4.09
CA LYS A 52 18.20 -20.03 -4.19
C LYS A 52 16.90 -19.82 -4.99
N LEU A 53 15.90 -19.24 -4.36
CA LEU A 53 14.71 -18.88 -5.09
C LEU A 53 15.06 -17.81 -6.13
N PRO A 54 14.62 -17.95 -7.37
CA PRO A 54 15.06 -17.01 -8.42
C PRO A 54 14.23 -15.73 -8.53
N VAL A 55 13.17 -15.61 -7.73
CA VAL A 55 12.36 -14.40 -7.69
C VAL A 55 12.36 -13.95 -6.24
N PRO A 56 11.80 -12.78 -5.92
CA PRO A 56 11.67 -12.36 -4.53
C PRO A 56 10.48 -13.03 -3.90
N TRP A 57 10.62 -13.41 -2.63
CA TRP A 57 9.50 -14.02 -1.92
C TRP A 57 8.20 -13.21 -2.02
N PRO A 58 8.17 -11.90 -1.81
CA PRO A 58 6.90 -11.16 -1.88
C PRO A 58 6.09 -11.34 -3.17
N THR A 59 6.68 -11.80 -4.27
CA THR A 59 5.87 -11.96 -5.47
C THR A 59 5.17 -13.31 -5.52
N LEU A 60 5.47 -14.22 -4.59
CA LEU A 60 4.81 -15.51 -4.57
C LEU A 60 3.77 -15.63 -3.46
N VAL A 61 3.57 -14.58 -2.67
CA VAL A 61 2.64 -14.66 -1.55
C VAL A 61 1.25 -15.01 -2.03
N THR A 62 0.77 -14.30 -3.07
CA THR A 62 -0.59 -14.51 -3.55
C THR A 62 -0.76 -15.86 -4.26
N THR A 63 0.26 -16.32 -4.97
CA THR A 63 0.17 -17.66 -5.57
C THR A 63 0.18 -18.74 -4.48
N LEU A 64 0.85 -18.46 -3.37
CA LEU A 64 1.08 -19.45 -2.33
C LEU A 64 -0.06 -19.53 -1.33
N VAL A 66 -4.93 -19.95 -0.73
CA VAL A 66 -5.93 -20.72 0.01
C VAL A 66 -6.99 -19.81 0.61
N GLN A 67 -7.79 -19.21 -0.24
CA GLN A 67 -8.75 -18.22 0.19
C GLN A 67 -9.95 -18.84 0.87
N CYS A 68 -9.98 -20.16 0.99
CA CYS A 68 -11.00 -20.80 1.79
C CYS A 68 -10.78 -20.60 3.28
N PHE A 69 -9.69 -19.95 3.66
CA PHE A 69 -9.48 -19.64 5.07
C PHE A 69 -9.85 -18.19 5.39
N SER A 70 -10.62 -17.54 4.53
CA SER A 70 -11.11 -16.21 4.82
C SER A 70 -12.27 -16.27 5.83
N ARG A 71 -12.38 -15.21 6.62
CA ARG A 71 -13.50 -14.99 7.52
C ARG A 71 -14.66 -14.41 6.73
N TYR A 72 -15.72 -15.18 6.53
CA TYR A 72 -16.94 -14.63 5.97
C TYR A 72 -17.89 -14.30 7.12
N PRO A 73 -18.24 -13.05 7.32
CA PRO A 73 -19.15 -12.71 8.43
C PRO A 73 -20.57 -13.21 8.22
N ASP A 74 -21.44 -12.92 9.17
CA ASP A 74 -22.77 -13.53 9.18
C ASP A 74 -23.66 -13.00 8.06
N HIS A 75 -23.57 -11.71 7.74
CA HIS A 75 -24.44 -11.29 6.64
C HIS A 75 -24.01 -11.84 5.29
N MET A 76 -22.97 -12.70 5.24
CA MET A 76 -22.32 -13.08 3.99
C MET A 76 -22.15 -14.59 3.79
N LYS A 77 -22.74 -15.42 4.65
CA LYS A 77 -22.49 -16.85 4.56
C LYS A 77 -22.90 -17.40 3.20
N ARG A 78 -24.00 -16.91 2.64
CA ARG A 78 -24.51 -17.40 1.36
C ARG A 78 -23.59 -17.05 0.18
N HIS A 79 -22.41 -16.45 0.45
CA HIS A 79 -21.53 -15.92 -0.60
C HIS A 79 -20.14 -16.53 -0.54
N ASP A 80 -19.87 -17.49 0.33
CA ASP A 80 -18.52 -18.04 0.45
C ASP A 80 -18.40 -19.20 -0.51
N PHE A 81 -17.94 -18.91 -1.73
CA PHE A 81 -17.72 -19.95 -2.73
C PHE A 81 -16.61 -20.88 -2.31
N PHE A 82 -15.47 -20.33 -1.89
CA PHE A 82 -14.29 -21.16 -1.64
C PHE A 82 -14.63 -22.35 -0.75
N LYS A 83 -15.28 -22.10 0.38
CA LYS A 83 -15.59 -23.21 1.26
C LYS A 83 -16.62 -24.15 0.65
N SER A 84 -17.56 -23.63 -0.13
CA SER A 84 -18.67 -24.47 -0.58
C SER A 84 -18.29 -25.40 -1.72
N ALA A 85 -17.05 -25.33 -2.20
CA ALA A 85 -16.55 -26.26 -3.20
C ALA A 85 -15.88 -27.47 -2.57
N MET A 86 -15.58 -27.42 -1.25
CA MET A 86 -14.89 -28.48 -0.52
C MET A 86 -15.83 -29.64 -0.21
N PRO A 87 -15.28 -30.85 -0.04
CA PRO A 87 -13.83 -31.13 -0.02
C PRO A 87 -13.21 -31.40 -1.38
N GLU A 88 -14.03 -31.51 -2.43
CA GLU A 88 -13.47 -31.76 -3.76
C GLU A 88 -12.47 -30.66 -4.15
N GLY A 89 -12.75 -29.43 -3.75
CA GLY A 89 -11.82 -28.35 -3.97
C GLY A 89 -12.14 -27.58 -5.22
N TYR A 90 -11.18 -26.73 -5.59
CA TYR A 90 -11.36 -25.89 -6.76
C TYR A 90 -10.03 -25.75 -7.50
N VAL A 91 -10.14 -25.29 -8.74
CA VAL A 91 -9.00 -24.89 -9.56
C VAL A 91 -8.94 -23.36 -9.56
N GLN A 92 -7.77 -22.83 -9.21
CA GLN A 92 -7.52 -21.40 -9.19
C GLN A 92 -6.45 -21.08 -10.23
N GLU A 93 -6.79 -20.22 -11.17
CA GLU A 93 -5.90 -19.80 -12.24
C GLU A 93 -5.65 -18.30 -12.19
N ARG A 94 -4.38 -17.91 -12.20
CA ARG A 94 -4.05 -16.50 -12.14
C ARG A 94 -3.13 -16.09 -13.30
N THR A 95 -3.36 -14.86 -13.79
CA THR A 95 -2.44 -14.15 -14.68
C THR A 95 -1.95 -12.91 -13.93
N ILE A 96 -0.66 -12.89 -13.57
CA ILE A 96 -0.06 -11.82 -12.79
C ILE A 96 0.90 -11.04 -13.67
N SER A 97 0.50 -9.83 -14.08
CA SER A 97 1.30 -8.97 -14.95
C SER A 97 2.05 -7.95 -14.11
N PHE A 98 3.37 -7.92 -14.28
CA PHE A 98 4.19 -6.92 -13.62
C PHE A 98 4.42 -5.78 -14.60
N LYS A 99 4.32 -4.54 -14.10
CA LYS A 99 4.37 -3.37 -14.98
C LYS A 99 5.79 -3.12 -15.47
N ASP A 100 5.96 -3.10 -16.79
CA ASP A 100 7.26 -2.93 -17.44
C ASP A 100 8.18 -4.14 -17.24
N ASP A 101 7.59 -5.30 -16.94
CA ASP A 101 8.36 -6.50 -16.71
C ASP A 101 7.54 -7.70 -17.20
N GLY A 102 7.88 -8.89 -16.73
CA GLY A 102 7.27 -10.11 -17.21
C GLY A 102 5.91 -10.43 -16.59
N THR A 103 5.59 -11.72 -16.61
CA THR A 103 4.25 -12.19 -16.27
C THR A 103 4.33 -13.58 -15.70
N TYR A 104 3.57 -13.82 -14.63
CA TYR A 104 3.35 -15.15 -14.08
C TYR A 104 2.02 -15.69 -14.60
N LYS A 105 2.01 -16.94 -15.05
CA LYS A 105 0.76 -17.66 -15.28
C LYS A 105 0.73 -18.85 -14.32
N THR A 106 -0.33 -18.98 -13.53
CA THR A 106 -0.36 -20.01 -12.50
C THR A 106 -1.64 -20.80 -12.60
N ARG A 107 -1.51 -22.11 -12.31
CA ARG A 107 -2.66 -23.00 -12.20
C ARG A 107 -2.47 -23.87 -10.97
N ALA A 108 -3.43 -23.81 -10.03
CA ALA A 108 -3.37 -24.54 -8.78
C ALA A 108 -4.65 -25.30 -8.54
N GLU A 109 -4.51 -26.46 -7.90
CA GLU A 109 -5.63 -27.25 -7.39
C GLU A 109 -5.59 -27.19 -5.88
N VAL A 110 -6.74 -26.93 -5.26
CA VAL A 110 -6.84 -26.75 -3.83
C VAL A 110 -7.93 -27.69 -3.33
N LYS A 111 -7.57 -28.58 -2.42
CA LYS A 111 -8.52 -29.62 -2.04
C LYS A 111 -8.07 -30.31 -0.77
N PHE A 112 -8.97 -31.08 -0.18
CA PHE A 112 -8.62 -31.88 0.98
C PHE A 112 -7.98 -33.19 0.53
N GLU A 113 -6.81 -33.48 1.09
CA GLU A 113 -6.17 -34.80 1.03
C GLU A 113 -6.03 -35.30 2.46
N GLY A 114 -6.78 -36.34 2.79
CA GLY A 114 -6.92 -36.66 4.20
C GLY A 114 -7.52 -35.45 4.89
N ASP A 115 -7.04 -35.15 6.09
CA ASP A 115 -7.52 -33.96 6.78
C ASP A 115 -6.67 -32.73 6.50
N THR A 116 -5.88 -32.75 5.41
CA THR A 116 -4.97 -31.65 5.09
C THR A 116 -5.48 -30.86 3.90
N LEU A 117 -5.58 -29.54 4.06
CA LEU A 117 -5.90 -28.67 2.94
C LEU A 117 -4.64 -28.49 2.10
N VAL A 118 -4.70 -28.90 0.85
CA VAL A 118 -3.52 -29.00 0.00
C VAL A 118 -3.67 -28.03 -1.15
N ASN A 119 -2.63 -27.22 -1.37
CA ASN A 119 -2.55 -26.29 -2.49
C ASN A 119 -1.39 -26.74 -3.36
N ARG A 120 -1.69 -27.20 -4.58
CA ARG A 120 -0.67 -27.68 -5.53
C ARG A 120 -0.63 -26.76 -6.74
N ILE A 121 0.53 -26.15 -6.97
CA ILE A 121 0.64 -25.06 -7.94
C ILE A 121 1.68 -25.39 -8.99
N GLU A 122 1.35 -25.11 -10.25
CA GLU A 122 2.30 -25.02 -11.36
C GLU A 122 2.34 -23.57 -11.82
N LEU A 123 3.51 -22.93 -11.75
CA LEU A 123 3.69 -21.53 -12.15
C LEU A 123 4.72 -21.41 -13.26
N LYS A 124 4.40 -20.57 -14.26
CA LYS A 124 5.23 -20.34 -15.44
C LYS A 124 5.33 -18.85 -15.72
N GLY A 125 6.52 -18.26 -15.52
CA GLY A 125 6.75 -16.86 -15.75
C GLY A 125 7.59 -16.63 -17.01
N ILE A 126 7.15 -15.67 -17.83
CA ILE A 126 7.83 -15.36 -19.07
C ILE A 126 8.07 -13.85 -19.17
N ASP A 127 8.95 -13.48 -20.11
CA ASP A 127 9.16 -12.12 -20.58
C ASP A 127 9.81 -11.23 -19.55
N PHE A 128 10.50 -11.80 -18.57
CA PHE A 128 11.13 -11.02 -17.51
C PHE A 128 12.50 -10.56 -17.95
N LYS A 129 12.86 -9.34 -17.55
CA LYS A 129 14.19 -8.81 -17.80
C LYS A 129 15.10 -9.23 -16.66
N GLU A 130 16.21 -9.89 -17.00
CA GLU A 130 17.10 -10.42 -15.98
C GLU A 130 17.68 -9.33 -15.10
N ASP A 131 17.58 -8.06 -15.50
CA ASP A 131 18.03 -6.93 -14.70
C ASP A 131 16.89 -6.12 -14.10
N GLY A 132 15.64 -6.52 -14.34
CA GLY A 132 14.50 -5.84 -13.77
C GLY A 132 14.35 -6.08 -12.28
N ASN A 133 13.20 -5.63 -11.75
CA ASN A 133 12.97 -5.71 -10.32
C ASN A 133 12.86 -7.15 -9.81
N ILE A 134 12.25 -8.04 -10.62
CA ILE A 134 11.95 -9.38 -10.14
C ILE A 134 13.22 -10.22 -10.10
N LEU A 135 13.75 -10.60 -11.27
CA LEU A 135 14.93 -11.46 -11.31
C LEU A 135 16.19 -10.80 -10.74
N GLY A 136 16.23 -9.47 -10.68
CA GLY A 136 17.33 -8.78 -10.03
C GLY A 136 17.27 -8.72 -8.52
N HIS A 137 16.21 -9.24 -7.92
CA HIS A 137 16.02 -9.22 -6.47
C HIS A 137 16.17 -7.80 -5.93
N LYS A 138 15.41 -6.88 -6.50
CA LYS A 138 15.46 -5.48 -6.12
C LYS A 138 14.27 -5.07 -5.24
N LEU A 139 13.40 -6.00 -4.86
CA LEU A 139 12.28 -5.68 -4.00
C LEU A 139 12.68 -5.69 -2.53
N GLU A 140 11.90 -5.00 -1.71
CA GLU A 140 12.06 -5.06 -0.27
C GLU A 140 11.31 -6.25 0.30
N TYR A 141 11.83 -6.80 1.40
CA TYR A 141 11.13 -7.87 2.10
C TYR A 141 10.36 -7.27 3.28
N ASN A 142 11.05 -6.79 4.32
CA ASN A 142 10.33 -6.28 5.48
C ASN A 142 11.20 -5.41 6.37
N SER A 143 11.98 -4.51 5.77
CA SER A 143 12.89 -3.71 6.56
C SER A 143 12.17 -2.60 7.32
N THR A 144 12.71 -2.26 8.49
CA THR A 144 12.23 -1.10 9.23
C THR A 144 12.49 0.20 8.45
N TRP A 145 13.71 0.39 7.95
CA TRP A 145 14.11 1.59 7.24
C TRP A 145 14.26 1.31 5.74
N GLY A 146 14.10 2.36 4.95
CA GLY A 146 14.21 2.25 3.50
C GLY A 146 14.39 3.59 2.84
N SER A 147 14.67 3.55 1.55
CA SER A 147 14.90 4.74 0.76
C SER A 147 13.62 5.56 0.58
N PRO A 148 13.68 6.87 0.75
CA PRO A 148 12.47 7.70 0.54
C PRO A 148 12.04 7.80 -0.91
N GLY A 149 12.89 7.42 -1.87
CA GLY A 149 12.49 7.55 -3.25
C GLY A 149 12.73 8.93 -3.83
N TRP A 150 12.91 9.01 -5.15
CA TRP A 150 13.34 10.26 -5.77
C TRP A 150 12.23 11.29 -5.79
N VAL A 151 10.98 10.86 -5.91
CA VAL A 151 9.90 11.83 -6.05
C VAL A 151 9.59 12.49 -4.71
N ARG A 152 9.48 11.68 -3.65
CA ARG A 152 9.36 12.22 -2.31
C ARG A 152 10.52 13.18 -1.99
N LEU A 153 11.71 12.86 -2.46
CA LEU A 153 12.87 13.69 -2.18
C LEU A 153 12.78 15.03 -2.91
N ALA A 154 12.43 15.00 -4.20
CA ALA A 154 12.23 16.25 -4.90
C ALA A 154 11.24 17.14 -4.14
N LEU A 155 10.07 16.58 -3.79
CA LEU A 155 9.05 17.38 -3.13
C LEU A 155 9.54 17.96 -1.81
N CYS A 156 10.12 17.13 -0.96
CA CYS A 156 10.48 17.62 0.37
C CYS A 156 11.63 18.63 0.31
N LEU A 157 12.63 18.39 -0.53
CA LEU A 157 13.72 19.35 -0.56
C LEU A 157 13.26 20.67 -1.15
N THR A 158 12.44 20.62 -2.20
CA THR A 158 11.91 21.87 -2.73
C THR A 158 11.11 22.61 -1.68
N GLY A 159 10.24 21.89 -0.95
CA GLY A 159 9.47 22.51 0.11
C GLY A 159 10.34 23.17 1.15
N LEU A 160 11.40 22.49 1.56
CA LEU A 160 12.31 23.03 2.57
C LEU A 160 13.04 24.27 2.04
N VAL A 161 13.55 24.20 0.81
CA VAL A 161 14.29 25.34 0.28
C VAL A 161 13.38 26.56 0.17
N LEU A 162 12.16 26.35 -0.32
CA LEU A 162 11.21 27.45 -0.42
C LEU A 162 10.85 28.00 0.95
N SER A 163 10.76 27.13 1.96
CA SER A 163 10.44 27.63 3.29
C SER A 163 11.58 28.44 3.86
N LEU A 164 12.82 27.98 3.66
CA LEU A 164 13.96 28.76 4.16
C LEU A 164 14.07 30.08 3.41
N TYR A 165 13.67 30.10 2.13
CA TYR A 165 13.68 31.37 1.42
C TYR A 165 12.64 32.32 1.99
N ALA A 166 11.43 31.82 2.26
CA ALA A 166 10.41 32.67 2.82
C ALA A 166 10.80 33.16 4.21
N LEU A 167 11.53 32.34 4.96
CA LEU A 167 12.08 32.79 6.25
C LEU A 167 13.01 33.98 6.06
N HIS A 168 14.03 33.82 5.22
CA HIS A 168 14.93 34.93 4.92
C HIS A 168 14.17 36.17 4.48
N VAL A 169 13.17 35.99 3.62
CA VAL A 169 12.48 37.14 3.05
C VAL A 169 11.69 37.88 4.12
N LYS A 170 10.94 37.15 4.95
CA LYS A 170 10.28 37.76 6.10
C LYS A 170 11.26 38.57 6.93
N ALA A 171 12.40 37.95 7.30
CA ALA A 171 13.31 38.63 8.19
C ALA A 171 13.87 39.91 7.56
N ALA A 172 13.83 40.02 6.24
CA ALA A 172 14.40 41.15 5.53
C ALA A 172 13.43 42.31 5.37
N ARG A 173 12.14 42.03 5.13
CA ARG A 173 11.19 43.15 5.09
C ARG A 173 10.87 43.64 6.50
N ALA A 174 10.99 42.77 7.51
CA ALA A 174 10.99 43.23 8.88
C ALA A 174 12.03 44.32 9.11
N ARG A 175 13.18 44.21 8.44
CA ARG A 175 14.35 45.05 8.70
C ARG A 175 14.52 46.18 7.67
N ASP A 176 13.87 46.07 6.51
CA ASP A 176 13.81 47.15 5.54
C ASP A 176 12.48 47.07 4.82
N ARG A 177 11.60 48.06 5.05
CA ARG A 177 10.27 48.00 4.45
C ARG A 177 10.32 48.09 2.94
N ASP A 178 11.44 48.55 2.38
CA ASP A 178 11.61 48.69 0.94
C ASP A 178 12.25 47.48 0.27
N TYR A 179 12.37 46.35 0.98
CA TYR A 179 13.03 45.19 0.42
C TYR A 179 12.15 44.53 -0.63
N ARG A 180 12.79 44.07 -1.71
CA ARG A 180 12.17 43.22 -2.73
C ARG A 180 13.04 41.98 -2.90
N ALA A 181 12.39 40.84 -3.04
CA ALA A 181 13.07 39.58 -3.28
C ALA A 181 12.82 39.09 -4.70
N LEU A 182 13.55 38.06 -5.10
CA LEU A 182 13.43 37.58 -6.47
C LEU A 182 11.99 37.20 -6.80
N CYS A 183 11.23 36.77 -5.80
CA CYS A 183 9.84 36.37 -6.00
C CYS A 183 8.87 37.56 -5.93
N ASP A 184 9.38 38.76 -5.77
CA ASP A 184 8.61 39.97 -6.03
C ASP A 184 8.89 40.38 -7.47
N VAL A 185 7.83 40.51 -8.29
CA VAL A 185 7.99 40.80 -9.70
C VAL A 185 6.97 41.85 -10.11
N GLY A 186 7.43 43.03 -10.51
CA GLY A 186 6.51 44.10 -10.85
C GLY A 186 5.51 44.31 -9.75
N THR A 187 4.24 44.43 -10.12
CA THR A 187 3.18 44.60 -9.15
C THR A 187 2.15 43.49 -9.18
N ALA A 188 2.21 42.58 -10.16
CA ALA A 188 1.29 41.45 -10.13
C ALA A 188 1.70 40.42 -9.09
N ILE A 189 2.89 39.84 -9.26
CA ILE A 189 3.36 38.74 -8.42
C ILE A 189 4.04 39.29 -7.17
N SER A 190 3.52 38.94 -6.00
CA SER A 190 4.02 39.49 -4.75
C SER A 190 4.47 38.38 -3.82
N CYS A 191 5.44 38.71 -3.00
CA CYS A 191 6.13 37.75 -2.15
C CYS A 191 6.29 38.26 -0.73
N SER A 192 6.63 39.54 -0.56
CA SER A 192 7.02 40.09 0.72
C SER A 192 5.84 40.64 1.51
N ARG A 193 4.93 41.37 0.85
CA ARG A 193 3.72 41.81 1.53
C ARG A 193 2.88 40.63 2.04
N VAL A 194 3.04 39.45 1.44
CA VAL A 194 2.32 38.28 1.93
C VAL A 194 2.96 37.74 3.22
N PHE A 195 4.28 37.52 3.21
CA PHE A 195 4.93 36.87 4.34
C PHE A 195 4.94 37.74 5.59
N SER A 196 4.88 39.06 5.43
CA SER A 196 4.98 39.97 6.57
C SER A 196 3.63 40.51 7.01
N SER A 197 2.56 40.10 6.35
CA SER A 197 1.21 40.35 6.82
C SER A 197 0.93 39.63 8.15
N ARG A 198 -0.19 40.01 8.79
CA ARG A 198 -0.76 39.25 9.90
C ARG A 198 -0.57 37.74 9.73
N TRP A 199 -0.89 37.24 8.55
CA TRP A 199 -1.19 35.83 8.34
C TRP A 199 0.05 34.99 8.15
N GLY A 200 1.22 35.62 8.09
CA GLY A 200 2.46 34.93 7.88
C GLY A 200 3.14 34.46 9.14
N ARG A 201 2.56 34.74 10.29
CA ARG A 201 3.07 34.25 11.56
C ARG A 201 1.95 33.52 12.28
N GLY A 202 2.21 32.29 12.70
CA GLY A 202 1.19 31.52 13.40
C GLY A 202 -0.07 31.43 12.59
N PHE A 203 0.05 31.63 11.28
CA PHE A 203 -1.06 31.57 10.35
C PHE A 203 -2.11 32.64 10.61
N GLY A 204 -1.73 33.66 11.38
CA GLY A 204 -2.67 34.69 11.78
C GLY A 204 -3.66 34.25 12.82
N LEU A 205 -3.51 33.03 13.34
CA LEU A 205 -4.43 32.48 14.31
C LEU A 205 -3.84 32.38 15.70
N VAL A 206 -2.56 32.02 15.83
CA VAL A 206 -2.01 31.73 17.15
C VAL A 206 -2.22 32.90 18.10
N GLU A 207 -1.79 34.09 17.71
CA GLU A 207 -1.81 35.23 18.60
C GLU A 207 -3.19 35.48 19.21
N HIS A 208 -4.27 35.09 18.52
CA HIS A 208 -5.60 35.24 19.10
C HIS A 208 -5.96 34.09 20.04
N VAL A 209 -5.37 32.92 19.86
CA VAL A 209 -5.77 31.73 20.57
C VAL A 209 -4.82 31.39 21.71
N LEU A 210 -3.51 31.52 21.51
CA LEU A 210 -2.53 31.19 22.53
C LEU A 210 -1.70 32.37 23.04
N GLY A 211 -1.89 33.56 22.49
CA GLY A 211 -1.12 34.70 22.88
C GLY A 211 0.10 34.92 21.99
N GLN A 212 0.56 36.18 21.94
CA GLN A 212 1.72 36.52 21.13
C GLN A 212 3.02 35.95 21.69
N ASP A 213 3.09 35.70 23.01
CA ASP A 213 4.27 35.08 23.60
C ASP A 213 4.44 33.61 23.21
N SER A 214 3.38 32.96 22.77
CA SER A 214 3.39 31.50 22.52
C SER A 214 4.65 31.04 21.81
N ILE A 215 5.11 29.83 22.17
CA ILE A 215 6.15 29.18 21.38
C ILE A 215 5.65 28.88 19.97
N LEU A 216 4.34 28.80 19.79
CA LEU A 216 3.72 28.42 18.53
C LEU A 216 3.49 29.60 17.59
N ASN A 217 3.76 30.83 18.02
CA ASN A 217 3.56 31.98 17.14
C ASN A 217 4.82 32.22 16.30
N GLN A 218 5.04 31.29 15.38
CA GLN A 218 6.23 31.27 14.54
C GLN A 218 5.88 31.70 13.12
N SER A 219 6.88 32.21 12.43
CA SER A 219 6.77 32.36 10.99
C SER A 219 6.28 31.05 10.39
N ASN A 220 5.32 31.15 9.46
CA ASN A 220 4.76 29.95 8.84
C ASN A 220 5.87 29.00 8.35
N SER A 221 6.81 29.54 7.60
CA SER A 221 7.92 28.76 7.08
C SER A 221 8.64 27.93 8.13
N ILE A 222 8.48 28.24 9.41
CA ILE A 222 9.05 27.37 10.44
C ILE A 222 8.27 26.06 10.51
N PHE A 223 6.94 26.16 10.52
CA PHE A 223 6.14 24.96 10.38
C PHE A 223 6.42 24.27 9.06
N GLY A 224 6.66 25.04 8.01
CA GLY A 224 7.09 24.48 6.74
C GLY A 224 8.33 23.61 6.88
N CYS A 225 9.39 24.17 7.43
CA CYS A 225 10.62 23.39 7.55
C CYS A 225 10.37 22.12 8.37
N ILE A 226 9.75 22.28 9.54
CA ILE A 226 9.42 21.10 10.34
C ILE A 226 8.69 20.07 9.48
N PHE A 227 7.75 20.53 8.65
CA PHE A 227 6.84 19.62 7.97
C PHE A 227 7.56 18.84 6.88
N TYR A 228 8.30 19.53 6.02
CA TYR A 228 8.96 18.84 4.95
C TYR A 228 10.06 17.93 5.48
N THR A 229 10.77 18.35 6.54
CA THR A 229 11.73 17.47 7.16
C THR A 229 11.06 16.18 7.67
N LEU A 230 9.94 16.34 8.38
CA LEU A 230 9.20 15.19 8.89
C LEU A 230 8.80 14.25 7.76
N GLN A 231 8.21 14.80 6.70
CA GLN A 231 7.71 13.96 5.62
C GLN A 231 8.84 13.16 4.99
N LEU A 232 10.01 13.78 4.83
CA LEU A 232 11.16 13.01 4.36
C LEU A 232 11.43 11.85 5.32
N LEU A 233 11.67 12.19 6.59
CA LEU A 233 12.04 11.16 7.56
C LEU A 233 11.07 9.98 7.54
N LEU A 234 9.77 10.28 7.64
CA LEU A 234 8.77 9.22 7.73
C LEU A 234 8.70 8.41 6.44
N GLY A 235 8.83 9.08 5.29
CA GLY A 235 8.96 8.38 4.02
C GLY A 235 10.14 7.45 3.98
N CYS A 236 11.08 7.60 4.92
CA CYS A 236 12.14 6.60 5.08
C CYS A 236 11.77 5.46 6.00
N LEU A 237 10.65 5.56 6.74
CA LEU A 237 10.16 4.50 7.60
C LEU A 237 9.12 3.66 6.87
N ARG A 238 9.00 2.40 7.29
CA ARG A 238 8.06 1.47 6.65
C ARG A 238 7.02 0.90 7.61
N THR A 239 6.91 1.41 8.83
CA THR A 239 5.90 0.96 9.77
C THR A 239 4.55 1.60 9.46
N ARG A 240 3.48 0.91 9.88
CA ARG A 240 2.11 1.42 9.69
C ARG A 240 1.88 2.76 10.39
N TRP A 241 2.42 2.95 11.60
CA TRP A 241 2.24 4.21 12.30
C TRP A 241 2.99 5.35 11.61
N ALA A 242 4.15 5.04 11.03
CA ALA A 242 4.80 6.06 10.21
C ALA A 242 3.86 6.55 9.13
N SER A 243 3.19 5.65 8.44
CA SER A 243 2.27 6.05 7.39
C SER A 243 1.08 6.83 7.95
N VAL A 244 0.59 6.45 9.14
CA VAL A 244 -0.52 7.18 9.73
C VAL A 244 -0.13 8.63 10.01
N LEU A 245 0.99 8.84 10.72
CA LEU A 245 1.49 10.20 10.92
C LEU A 245 1.63 10.93 9.59
N MET A 246 2.29 10.32 8.62
CA MET A 246 2.43 11.00 7.33
C MET A 246 1.07 11.51 6.85
N LEU A 247 0.07 10.63 6.83
CA LEU A 247 -1.22 11.01 6.27
C LEU A 247 -1.86 12.15 7.07
N LEU A 248 -1.76 12.09 8.42
CA LEU A 248 -2.46 13.07 9.26
C LEU A 248 -1.79 14.44 9.18
N SER A 249 -0.46 14.45 9.24
CA SER A 249 0.26 15.70 9.03
C SER A 249 -0.02 16.26 7.63
N SER A 250 -0.17 15.39 6.63
CA SER A 250 -0.48 15.89 5.28
C SER A 250 -1.88 16.51 5.22
N LEU A 251 -2.84 15.92 5.94
CA LEU A 251 -4.17 16.50 5.97
C LEU A 251 -4.15 17.86 6.63
N VAL A 252 -3.33 18.02 7.67
CA VAL A 252 -3.12 19.34 8.26
C VAL A 252 -2.56 20.30 7.22
N SER A 253 -1.50 19.90 6.54
CA SER A 253 -0.89 20.76 5.53
C SER A 253 -1.92 21.17 4.48
N LEU A 254 -2.84 20.26 4.16
CA LEU A 254 -3.81 20.53 3.10
C LEU A 254 -4.81 21.59 3.56
N ALA A 255 -5.30 21.45 4.80
CA ALA A 255 -6.20 22.46 5.33
C ALA A 255 -5.50 23.81 5.42
N GLY A 256 -4.24 23.81 5.88
CA GLY A 256 -3.46 25.05 5.91
C GLY A 256 -3.30 25.69 4.54
N SER A 257 -3.04 24.87 3.51
CA SER A 257 -2.93 25.37 2.15
C SER A 257 -4.23 26.02 1.69
N VAL A 258 -5.38 25.40 1.99
CA VAL A 258 -6.64 25.98 1.52
C VAL A 258 -6.96 27.28 2.26
N TYR A 259 -6.67 27.33 3.55
CA TYR A 259 -6.86 28.57 4.30
C TYR A 259 -5.93 29.68 3.77
N LEU A 260 -4.65 29.33 3.55
CA LEU A 260 -3.70 30.33 3.07
C LEU A 260 -4.06 30.81 1.67
N ALA A 261 -4.55 29.91 0.81
CA ALA A 261 -4.94 30.33 -0.52
C ALA A 261 -6.20 31.17 -0.46
N TRP A 262 -7.08 30.91 0.51
CA TRP A 262 -8.26 31.75 0.66
C TRP A 262 -7.87 33.13 1.13
N ILE A 263 -6.77 33.24 1.89
CA ILE A 263 -6.24 34.57 2.23
C ILE A 263 -5.62 35.22 0.99
N LEU A 264 -4.65 34.53 0.39
CA LEU A 264 -3.90 35.02 -0.76
C LEU A 264 -4.82 35.66 -1.78
N PHE A 265 -5.78 34.91 -2.26
CA PHE A 265 -6.88 35.53 -2.99
C PHE A 265 -7.93 35.95 -1.98
N PHE A 266 -8.84 36.81 -2.41
CA PHE A 266 -10.01 37.07 -1.56
C PHE A 266 -9.74 37.99 -0.37
N VAL A 267 -8.55 37.94 0.26
CA VAL A 267 -8.25 38.80 1.39
C VAL A 267 -7.09 39.78 1.08
N LEU A 268 -5.97 39.25 0.58
CA LEU A 268 -4.85 40.13 0.25
C LEU A 268 -4.78 40.48 -1.23
N TYR A 269 -5.28 39.62 -2.11
CA TYR A 269 -5.35 39.89 -3.54
C TYR A 269 -3.98 39.85 -4.22
N ASP A 270 -3.04 39.10 -3.65
CA ASP A 270 -1.73 38.94 -4.27
C ASP A 270 -1.66 37.60 -4.99
N PHE A 271 -0.83 37.56 -6.02
CA PHE A 271 -0.52 36.34 -6.75
C PHE A 271 0.91 35.98 -6.36
N CYS A 272 1.03 35.01 -5.48
CA CYS A 272 2.31 34.62 -4.89
C CYS A 272 2.69 33.26 -5.47
N ILE A 273 3.72 33.25 -6.31
CA ILE A 273 4.07 32.02 -7.00
C ILE A 273 4.70 31.00 -6.04
N VAL A 274 5.52 31.48 -5.12
CA VAL A 274 6.11 30.58 -4.12
C VAL A 274 5.02 29.91 -3.28
N CYS A 275 3.96 30.65 -2.98
CA CYS A 275 2.86 30.12 -2.17
C CYS A 275 2.14 28.99 -2.91
N ILE A 276 1.72 29.27 -4.15
CA ILE A 276 1.03 28.29 -4.96
C ILE A 276 1.89 27.05 -5.17
N THR A 277 3.20 27.23 -5.30
CA THR A 277 4.06 26.06 -5.40
C THR A 277 4.01 25.25 -4.11
N THR A 278 4.12 25.91 -2.96
CA THR A 278 3.94 25.22 -1.69
C THR A 278 2.64 24.40 -1.67
N TYR A 279 1.57 24.98 -2.21
CA TYR A 279 0.27 24.29 -2.18
C TYR A 279 0.31 23.03 -3.04
N ALA A 280 0.80 23.16 -4.28
CA ALA A 280 0.90 21.99 -5.15
C ALA A 280 1.75 20.89 -4.50
N ILE A 281 2.84 21.28 -3.86
CA ILE A 281 3.67 20.27 -3.20
C ILE A 281 2.86 19.55 -2.14
N ASN A 282 2.09 20.30 -1.35
CA ASN A 282 1.34 19.66 -0.25
C ASN A 282 0.28 18.71 -0.78
N VAL A 283 -0.34 19.05 -1.91
CA VAL A 283 -1.29 18.13 -2.53
C VAL A 283 -0.59 16.84 -2.98
N SER A 284 0.59 16.97 -3.60
CA SER A 284 1.32 15.78 -4.01
C SER A 284 1.65 14.90 -2.83
N LEU A 285 2.09 15.52 -1.73
CA LEU A 285 2.42 14.76 -0.54
C LEU A 285 1.19 14.08 0.02
N MET A 286 0.04 14.76 -0.05
CA MET A 286 -1.16 14.15 0.49
C MET A 286 -1.55 12.92 -0.31
N TRP A 287 -1.42 13.01 -1.64
CA TRP A 287 -1.76 11.87 -2.47
C TRP A 287 -0.85 10.69 -2.16
N LEU A 288 0.45 10.96 -2.06
CA LEU A 288 1.39 9.90 -1.70
C LEU A 288 1.08 9.36 -0.31
N SER A 289 0.59 10.20 0.58
CA SER A 289 0.16 9.77 1.91
C SER A 289 -0.96 8.74 1.82
N PHE A 290 -1.98 9.05 0.99
CA PHE A 290 -3.07 8.10 0.76
C PHE A 290 -2.52 6.75 0.30
N ARG A 291 -1.65 6.78 -0.70
CA ARG A 291 -1.13 5.54 -1.27
C ARG A 291 -0.33 4.76 -0.23
N LYS A 292 0.56 5.44 0.48
CA LYS A 292 1.31 4.75 1.52
C LYS A 292 0.38 4.06 2.51
N VAL A 293 -0.70 4.74 2.91
CA VAL A 293 -1.54 4.19 3.96
C VAL A 293 -2.34 2.98 3.46
N GLN A 294 -2.70 2.97 2.19
CA GLN A 294 -3.53 1.93 1.61
C GLN A 294 -2.78 0.63 1.34
N GLU A 295 -1.50 0.56 1.68
CA GLU A 295 -0.71 -0.63 1.44
C GLU A 295 -0.76 -1.61 2.59
N ASN A 296 -1.43 -1.24 3.68
CA ASN A 296 -1.54 -2.14 4.82
C ASN A 296 -2.57 -3.25 4.56
N SER A 297 -3.54 -3.00 3.69
CA SER A 297 -4.59 -3.96 3.37
C SER A 297 -4.87 -3.95 1.87
N HIS A 298 -4.92 -5.13 1.26
CA HIS A 298 -5.26 -5.27 -0.14
C HIS A 298 -6.66 -5.85 -0.27
N ASN A 299 -7.43 -5.31 -1.22
CA ASN A 299 -8.84 -5.69 -1.44
C ASN A 299 -8.96 -6.56 -2.69
N VAL A 300 -9.31 -7.83 -2.51
CA VAL A 300 -9.54 -8.75 -3.61
C VAL A 300 -10.99 -8.63 -4.05
N TYR A 301 -11.24 -8.26 -5.32
CA TYR A 301 -12.59 -7.99 -5.81
C TYR A 301 -13.13 -9.24 -6.50
N ILE A 302 -14.12 -9.88 -5.87
CA ILE A 302 -14.68 -11.16 -6.29
C ILE A 302 -16.06 -10.91 -6.90
N THR A 303 -16.24 -11.38 -8.13
CA THR A 303 -17.52 -11.37 -8.83
C THR A 303 -17.82 -12.79 -9.33
N ALA A 304 -19.09 -13.13 -9.43
CA ALA A 304 -19.47 -14.49 -9.81
C ALA A 304 -19.34 -14.67 -11.31
N ASP A 305 -19.10 -15.91 -11.73
CA ASP A 305 -18.95 -16.30 -13.13
C ASP A 305 -19.84 -17.52 -13.32
N LYS A 306 -21.10 -17.27 -13.71
CA LYS A 306 -22.09 -18.34 -13.73
C LYS A 306 -21.84 -19.34 -14.86
N GLN A 307 -21.42 -18.86 -16.03
CA GLN A 307 -21.24 -19.74 -17.19
C GLN A 307 -20.17 -20.79 -16.94
N LYS A 308 -19.20 -20.50 -16.08
CA LYS A 308 -18.22 -21.49 -15.66
C LYS A 308 -18.54 -22.08 -14.28
N ASN A 309 -19.64 -21.65 -13.66
CA ASN A 309 -20.05 -22.15 -12.35
C ASN A 309 -19.01 -21.89 -11.25
N GLY A 310 -18.38 -20.73 -11.30
CA GLY A 310 -17.39 -20.36 -10.29
C GLY A 310 -17.31 -18.86 -10.07
N ILE A 311 -16.10 -18.36 -9.89
CA ILE A 311 -15.89 -16.95 -9.61
C ILE A 311 -14.72 -16.41 -10.43
N LYS A 312 -14.67 -15.09 -10.52
CA LYS A 312 -13.51 -14.40 -11.03
C LYS A 312 -13.11 -13.29 -10.08
N ALA A 313 -11.83 -12.97 -10.08
CA ALA A 313 -11.26 -12.06 -9.11
C ALA A 313 -10.33 -11.07 -9.80
N ASN A 314 -10.20 -9.91 -9.19
CA ASN A 314 -9.41 -8.84 -9.78
C ASN A 314 -8.74 -8.08 -8.67
N PHE A 315 -7.46 -7.72 -8.86
CA PHE A 315 -6.86 -6.81 -7.89
C PHE A 315 -5.44 -6.39 -8.29
N LYS A 316 -4.83 -5.53 -7.46
CA LYS A 316 -3.49 -4.99 -7.72
C LYS A 316 -2.65 -5.07 -6.45
N ILE A 317 -1.40 -5.47 -6.59
CA ILE A 317 -0.43 -5.41 -5.51
C ILE A 317 0.60 -4.37 -5.87
N ARG A 318 1.05 -3.62 -4.90
CA ARG A 318 2.16 -2.70 -5.08
C ARG A 318 3.27 -3.13 -4.14
N HIS A 319 4.40 -3.51 -4.72
CA HIS A 319 5.56 -3.97 -3.98
C HIS A 319 6.55 -2.83 -3.81
N ASN A 320 7.06 -2.66 -2.60
CA ASN A 320 8.07 -1.64 -2.38
C ASN A 320 9.40 -2.04 -2.99
N VAL A 321 9.92 -1.19 -3.87
CA VAL A 321 11.20 -1.39 -4.53
C VAL A 321 12.28 -0.66 -3.73
N GLU A 322 13.52 -1.18 -3.77
CA GLU A 322 14.56 -0.73 -2.87
C GLU A 322 14.98 0.73 -3.07
N ASP A 323 14.78 1.29 -4.26
CA ASP A 323 15.20 2.66 -4.48
C ASP A 323 14.13 3.67 -4.06
N GLY A 324 13.06 3.20 -3.39
CA GLY A 324 11.99 4.05 -2.95
C GLY A 324 10.76 4.05 -3.84
N SER A 325 10.79 3.31 -4.95
CA SER A 325 9.69 3.27 -5.89
C SER A 325 8.70 2.17 -5.50
N VAL A 326 7.75 1.87 -6.38
CA VAL A 326 6.73 0.85 -6.18
C VAL A 326 6.56 0.08 -7.49
N GLN A 327 6.39 -1.23 -7.37
CA GLN A 327 6.21 -2.14 -8.50
C GLN A 327 4.78 -2.64 -8.52
N LEU A 328 4.07 -2.39 -9.61
CA LEU A 328 2.69 -2.83 -9.77
C LEU A 328 2.60 -4.28 -10.24
N ALA A 329 1.62 -5.00 -9.72
CA ALA A 329 1.38 -6.41 -10.06
C ALA A 329 -0.14 -6.57 -10.21
N ASP A 330 -0.62 -6.46 -11.45
CA ASP A 330 -2.03 -6.70 -11.75
C ASP A 330 -2.33 -8.19 -11.68
N HIS A 331 -3.37 -8.56 -10.91
CA HIS A 331 -3.84 -9.94 -10.78
C HIS A 331 -5.19 -10.10 -11.46
N TYR A 332 -5.30 -11.09 -12.34
CA TYR A 332 -6.58 -11.57 -12.84
C TYR A 332 -6.73 -13.03 -12.44
N GLN A 333 -7.90 -13.40 -11.91
CA GLN A 333 -8.08 -14.68 -11.25
C GLN A 333 -9.36 -15.35 -11.70
N GLN A 334 -9.32 -16.67 -11.83
CA GLN A 334 -10.50 -17.49 -12.08
C GLN A 334 -10.50 -18.65 -11.11
N ASN A 335 -11.69 -19.02 -10.64
CA ASN A 335 -11.86 -20.17 -9.77
C ASN A 335 -13.03 -20.97 -10.31
N THR A 336 -12.84 -22.29 -10.40
CA THR A 336 -13.87 -23.20 -10.92
C THR A 336 -13.86 -24.45 -10.06
N PRO A 337 -15.01 -25.01 -9.70
CA PRO A 337 -15.01 -26.20 -8.85
C PRO A 337 -14.41 -27.41 -9.55
N ILE A 338 -13.76 -28.26 -8.75
CA ILE A 338 -13.21 -29.51 -9.26
C ILE A 338 -14.29 -30.58 -9.38
N GLY A 339 -14.94 -30.90 -8.26
CA GLY A 339 -16.01 -31.87 -8.25
C GLY A 339 -17.35 -31.25 -8.58
N ASP A 340 -18.44 -31.95 -8.23
CA ASP A 340 -19.76 -31.43 -8.55
C ASP A 340 -20.49 -30.84 -7.37
N GLY A 341 -21.76 -31.20 -7.23
CA GLY A 341 -22.58 -30.75 -6.15
C GLY A 341 -22.75 -29.23 -6.17
N PRO A 342 -23.80 -28.76 -5.51
CA PRO A 342 -24.06 -27.31 -5.50
C PRO A 342 -22.84 -26.54 -5.01
N VAL A 343 -22.70 -25.33 -5.53
CA VAL A 343 -21.68 -24.38 -5.11
C VAL A 343 -22.39 -23.07 -4.81
N LEU A 344 -21.72 -22.18 -4.07
CA LEU A 344 -22.28 -20.88 -3.70
C LEU A 344 -21.72 -19.84 -4.67
N LEU A 345 -22.60 -19.18 -5.43
CA LEU A 345 -22.20 -18.14 -6.37
C LEU A 345 -22.45 -16.76 -5.77
N PRO A 346 -21.42 -16.08 -5.27
CA PRO A 346 -21.65 -14.89 -4.44
C PRO A 346 -22.03 -13.66 -5.25
N ASP A 347 -22.72 -12.73 -4.58
CA ASP A 347 -22.81 -11.38 -5.10
C ASP A 347 -21.44 -10.70 -5.01
N ASN A 348 -21.29 -9.60 -5.74
CA ASN A 348 -20.02 -8.89 -5.77
C ASN A 348 -19.59 -8.48 -4.37
N HIS A 349 -18.32 -8.68 -4.06
CA HIS A 349 -17.83 -8.28 -2.73
C HIS A 349 -16.32 -8.38 -2.78
N TYR A 350 -15.67 -8.29 -1.62
CA TYR A 350 -14.22 -8.35 -1.64
C TYR A 350 -13.72 -8.99 -0.35
N LEU A 351 -12.46 -9.42 -0.41
CA LEU A 351 -11.72 -9.94 0.72
C LEU A 351 -10.62 -8.93 1.08
N SER A 352 -10.63 -8.45 2.33
CA SER A 352 -9.60 -7.55 2.83
C SER A 352 -8.47 -8.39 3.43
N THR A 353 -7.27 -8.22 2.90
CA THR A 353 -6.12 -9.07 3.17
C THR A 353 -4.95 -8.25 3.73
N GLN A 354 -4.27 -8.80 4.73
CA GLN A 354 -3.13 -8.16 5.33
C GLN A 354 -2.08 -9.23 5.61
N SER A 355 -0.85 -8.95 5.21
CA SER A 355 0.23 -9.93 5.22
C SER A 355 1.40 -9.42 6.04
N VAL A 356 2.03 -10.31 6.79
CA VAL A 356 3.24 -9.98 7.52
C VAL A 356 4.30 -11.02 7.19
N LEU A 357 5.35 -10.57 6.49
CA LEU A 357 6.49 -11.39 6.13
C LEU A 357 7.57 -11.24 7.19
N SER A 358 8.25 -12.35 7.50
CA SER A 358 9.34 -12.34 8.45
C SER A 358 10.28 -13.51 8.14
N LYS A 359 11.35 -13.61 8.95
CA LYS A 359 12.41 -14.58 8.72
C LYS A 359 12.74 -15.33 10.01
N ASP A 360 12.75 -16.66 9.91
CA ASP A 360 13.18 -17.52 11.02
C ASP A 360 14.68 -17.32 11.19
N PRO A 361 15.14 -16.71 12.29
CA PRO A 361 16.58 -16.52 12.46
C PRO A 361 17.36 -17.82 12.51
N ASN A 362 16.66 -18.96 12.65
CA ASN A 362 17.29 -20.27 12.76
C ASN A 362 17.18 -21.09 11.48
N GLU A 363 16.68 -20.52 10.41
CA GLU A 363 16.45 -21.27 9.17
C GLU A 363 17.59 -21.01 8.19
N LYS A 364 18.42 -22.03 7.96
CA LYS A 364 19.54 -21.88 7.02
C LYS A 364 19.06 -21.82 5.58
N ARG A 365 17.92 -22.42 5.26
CA ARG A 365 17.41 -22.44 3.89
C ARG A 365 16.75 -21.13 3.52
N ASP A 366 16.54 -20.97 2.21
CA ASP A 366 15.90 -19.78 1.64
C ASP A 366 14.40 -19.85 1.90
N HIS A 367 13.91 -19.09 2.88
CA HIS A 367 12.60 -19.30 3.46
C HIS A 367 11.79 -18.02 3.47
N MET A 368 10.52 -18.17 3.88
CA MET A 368 9.61 -17.06 4.15
C MET A 368 8.64 -17.48 5.24
N VAL A 369 8.64 -16.78 6.37
CA VAL A 369 7.61 -16.97 7.37
C VAL A 369 6.50 -15.98 7.09
N LEU A 370 5.26 -16.45 7.05
CA LEU A 370 4.14 -15.65 6.56
C LEU A 370 2.99 -15.75 7.54
N LEU A 371 2.52 -14.60 8.04
CA LEU A 371 1.29 -14.54 8.83
C LEU A 371 0.26 -13.74 8.04
N GLU A 372 -1.01 -14.15 8.09
CA GLU A 372 -1.97 -13.55 7.19
C GLU A 372 -3.35 -13.43 7.83
N PHE A 373 -4.00 -12.29 7.60
CA PHE A 373 -5.34 -12.02 8.12
C PHE A 373 -6.25 -11.58 6.98
N VAL A 374 -7.35 -12.28 6.77
CA VAL A 374 -8.23 -12.03 5.64
C VAL A 374 -9.65 -12.10 6.14
N THR A 375 -10.44 -11.06 5.87
CA THR A 375 -11.84 -11.08 6.25
C THR A 375 -12.65 -10.49 5.11
N ALA A 376 -13.83 -11.05 4.87
CA ALA A 376 -14.65 -10.61 3.76
C ALA A 376 -15.54 -9.41 4.15
N ALA A 377 -15.79 -8.55 3.17
CA ALA A 377 -16.72 -7.45 3.33
C ALA A 377 -17.28 -7.10 1.96
N GLY A 378 -18.19 -6.13 1.94
CA GLY A 378 -18.75 -5.65 0.70
C GLY A 378 -20.26 -5.79 0.57
N ILE A 379 -20.81 -6.92 1.03
CA ILE A 379 -22.22 -7.21 0.76
C ILE A 379 -23.08 -6.22 1.53
N THR A 380 -23.93 -5.50 0.81
CA THR A 380 -24.72 -4.45 1.43
C THR A 380 -25.76 -5.05 2.38
N HIS A 381 -26.21 -4.23 3.33
CA HIS A 381 -26.96 -4.74 4.47
C HIS A 381 -28.46 -4.71 4.22
N HIS A 382 -29.22 -5.04 5.26
CA HIS A 382 -30.61 -5.41 5.20
C HIS A 382 -31.46 -4.26 5.73
N HIS A 383 -32.22 -3.63 4.85
CA HIS A 383 -33.00 -2.44 5.18
C HIS A 383 -34.09 -2.72 6.23
#